data_5MPF
#
_entry.id   5MPF
#
_cell.length_a   59.034
_cell.length_b   59.034
_cell.length_c   198.854
_cell.angle_alpha   90.00
_cell.angle_beta   90.00
_cell.angle_gamma   90.00
#
_symmetry.space_group_name_H-M   'P 41'
#
loop_
_entity.id
_entity.type
_entity.pdbx_description
1 polymer 'Grainyhead-like protein 1 homolog'
2 polymer "DNA (5'-D(*AP*AP*AP*AP*CP*CP*GP*GP*TP*TP*TP*T)-3')"
3 water water
#
loop_
_entity_poly.entity_id
_entity_poly.type
_entity_poly.pdbx_seq_one_letter_code
_entity_poly.pdbx_strand_id
1 'polypeptide(L)'
;SGNNFEYTLEASKSLRQKPGDSTMTYLNKGQFYPITLKEVSSSEGIHHPISKVRSVIMVVFAEDKSREDQLRHWKYWHSR
QHTAKQRCIDIADYKESFNTISNVEEIAYNAISFTWDINDEAKVFISVNCLSTDFSSQKGVKGLPLNIQIDTYSYNNRSN
KPVHRAYCQIKVFCDKGAERKIRDEERKQSKRKVSDVKVPLLPSHKRMDITVFKPFIDLDTQPVLFIPDVHFANLQRG
;
A,B
2 'polydeoxyribonucleotide' (DA)(DA)(DA)(DA)(DC)(DC)(DG)(DG)(DT)(DT)(DT)(DT) E,F
#
loop_
_chem_comp.id
_chem_comp.type
_chem_comp.name
_chem_comp.formula
DA DNA linking 2'-DEOXYADENOSINE-5'-MONOPHOSPHATE 'C10 H14 N5 O6 P'
DC DNA linking 2'-DEOXYCYTIDINE-5'-MONOPHOSPHATE 'C9 H14 N3 O7 P'
DG DNA linking 2'-DEOXYGUANOSINE-5'-MONOPHOSPHATE 'C10 H14 N5 O7 P'
DT DNA linking THYMIDINE-5'-MONOPHOSPHATE 'C10 H15 N2 O8 P'
#
# COMPACT_ATOMS: atom_id res chain seq x y z
N ASN A 3 2.89 -47.41 0.85
CA ASN A 3 2.22 -46.23 1.41
C ASN A 3 2.31 -45.01 0.49
N ASN A 4 1.41 -44.93 -0.47
CA ASN A 4 1.38 -43.81 -1.42
C ASN A 4 0.05 -43.06 -1.35
N PHE A 5 0.12 -41.74 -1.42
CA PHE A 5 -1.07 -40.90 -1.26
C PHE A 5 -1.30 -39.98 -2.47
N GLU A 6 -2.52 -39.45 -2.58
CA GLU A 6 -2.82 -38.45 -3.59
C GLU A 6 -3.81 -37.43 -3.03
N TYR A 7 -3.35 -36.18 -2.95
CA TYR A 7 -4.18 -35.11 -2.43
C TYR A 7 -4.65 -34.24 -3.59
N THR A 8 -5.86 -33.71 -3.46
CA THR A 8 -6.48 -32.96 -4.53
C THR A 8 -7.14 -31.68 -4.07
N LEU A 9 -6.81 -30.57 -4.74
CA LEU A 9 -7.42 -29.28 -4.49
C LEU A 9 -8.21 -28.81 -5.71
N GLU A 10 -9.49 -28.50 -5.53
CA GLU A 10 -10.34 -28.11 -6.64
C GLU A 10 -10.59 -26.62 -6.69
N ALA A 11 -9.90 -25.95 -7.60
CA ALA A 11 -10.05 -24.50 -7.79
C ALA A 11 -9.53 -24.10 -9.15
N SER A 12 -9.57 -22.79 -9.42
CA SER A 12 -9.07 -22.26 -10.68
C SER A 12 -7.55 -22.36 -10.76
N LYS A 13 -7.07 -23.10 -11.76
CA LYS A 13 -5.64 -23.33 -11.91
C LYS A 13 -5.05 -22.59 -13.10
N SER A 14 -3.84 -22.06 -12.93
CA SER A 14 -3.14 -21.32 -13.97
C SER A 14 -2.88 -22.22 -15.18
N LEU A 15 -2.40 -21.63 -16.26
CA LEU A 15 -2.08 -22.41 -17.44
C LEU A 15 -0.65 -22.07 -17.88
N ARG A 16 0.20 -23.09 -17.96
CA ARG A 16 1.62 -22.93 -18.28
C ARG A 16 2.30 -21.97 -17.31
N GLY A 20 6.34 -20.17 -16.43
CA GLY A 20 5.92 -21.01 -15.32
C GLY A 20 6.26 -22.47 -15.53
N ASP A 21 6.96 -23.05 -14.55
CA ASP A 21 7.37 -24.45 -14.63
C ASP A 21 6.95 -25.21 -13.38
N SER A 22 6.55 -24.48 -12.34
CA SER A 22 6.09 -25.08 -11.10
C SER A 22 4.57 -25.10 -11.01
N THR A 23 4.04 -25.78 -10.00
CA THR A 23 2.60 -25.81 -9.77
C THR A 23 2.13 -24.47 -9.23
N MET A 24 1.01 -23.98 -9.75
CA MET A 24 0.45 -22.75 -9.23
C MET A 24 -1.07 -22.82 -9.15
N THR A 25 -1.62 -22.37 -8.02
CA THR A 25 -3.06 -22.36 -7.82
C THR A 25 -3.51 -21.02 -7.22
N TYR A 26 -4.59 -20.46 -7.76
CA TYR A 26 -5.08 -19.18 -7.26
C TYR A 26 -6.30 -19.34 -6.36
N LEU A 27 -6.25 -18.71 -5.19
CA LEU A 27 -7.33 -18.81 -4.20
C LEU A 27 -7.82 -17.43 -3.74
N ASN A 28 -9.02 -17.40 -3.18
CA ASN A 28 -9.58 -16.16 -2.62
C ASN A 28 -9.54 -16.17 -1.10
N LYS A 29 -9.24 -15.03 -0.51
CA LYS A 29 -9.19 -14.90 0.94
C LYS A 29 -10.57 -15.11 1.58
N GLY A 30 -10.65 -16.08 2.48
CA GLY A 30 -11.86 -16.38 3.21
C GLY A 30 -12.81 -17.34 2.52
N GLN A 31 -12.48 -17.69 1.29
CA GLN A 31 -13.29 -18.61 0.50
C GLN A 31 -12.87 -20.06 0.73
N PHE A 32 -13.86 -20.95 0.91
CA PHE A 32 -13.57 -22.35 1.19
C PHE A 32 -13.38 -23.15 -0.09
N TYR A 33 -12.37 -24.01 -0.06
CA TYR A 33 -12.04 -24.86 -1.20
C TYR A 33 -11.97 -26.32 -0.76
N PRO A 34 -12.49 -27.22 -1.62
CA PRO A 34 -12.52 -28.66 -1.32
C PRO A 34 -11.18 -29.36 -1.52
N ILE A 35 -10.65 -29.94 -0.45
CA ILE A 35 -9.42 -30.71 -0.50
C ILE A 35 -9.72 -32.21 -0.34
N THR A 36 -9.11 -33.04 -1.19
CA THR A 36 -9.36 -34.47 -1.20
C THR A 36 -8.15 -35.27 -0.68
N LEU A 37 -8.43 -36.26 0.19
CA LEU A 37 -7.38 -37.09 0.81
C LEU A 37 -7.60 -38.57 0.54
N LYS A 38 -6.55 -39.21 0.02
CA LYS A 38 -6.69 -40.56 -0.51
C LYS A 38 -5.36 -41.36 -0.44
N GLU A 39 -5.40 -42.64 -0.06
CA GLU A 39 -4.20 -43.52 -0.12
C GLU A 39 -4.32 -44.82 -0.95
N VAL A 40 -3.23 -45.29 -1.54
CA VAL A 40 -3.33 -46.56 -2.24
C VAL A 40 -2.65 -47.66 -1.46
N SER A 51 -7.49 -49.23 9.82
CA SER A 51 -6.33 -48.39 10.04
C SER A 51 -6.66 -46.89 9.90
N LYS A 52 -6.76 -46.21 11.04
CA LYS A 52 -7.03 -44.77 11.06
C LYS A 52 -5.73 -43.97 11.09
N VAL A 53 -5.58 -43.07 10.12
CA VAL A 53 -4.37 -42.26 10.01
C VAL A 53 -4.66 -40.77 10.24
N ARG A 54 -3.69 -40.05 10.77
CA ARG A 54 -3.84 -38.62 11.05
C ARG A 54 -3.09 -37.77 10.04
N SER A 55 -3.79 -36.78 9.48
CA SER A 55 -3.17 -35.85 8.53
C SER A 55 -3.28 -34.42 9.03
N VAL A 56 -2.26 -33.63 8.69
CA VAL A 56 -2.21 -32.23 9.09
C VAL A 56 -2.10 -31.34 7.88
N ILE A 57 -3.06 -30.46 7.69
CA ILE A 57 -3.03 -29.49 6.60
C ILE A 57 -2.51 -28.15 7.10
N MET A 58 -1.48 -27.63 6.43
CA MET A 58 -0.84 -26.40 6.86
C MET A 58 -0.65 -25.40 5.73
N VAL A 59 -0.41 -24.16 6.12
CA VAL A 59 -0.06 -23.11 5.17
C VAL A 59 1.29 -22.50 5.53
N VAL A 60 2.25 -22.65 4.63
CA VAL A 60 3.59 -22.14 4.84
C VAL A 60 4.10 -21.44 3.58
N PHE A 61 5.24 -20.78 3.71
CA PHE A 61 5.86 -20.09 2.59
C PHE A 61 6.68 -21.04 1.73
N ALA A 62 6.86 -20.69 0.47
CA ALA A 62 7.48 -21.61 -0.48
C ALA A 62 8.96 -21.29 -0.77
N GLU A 63 9.27 -20.01 -0.98
CA GLU A 63 10.62 -19.64 -1.42
C GLU A 63 11.68 -19.75 -0.32
N ASP A 64 11.33 -19.37 0.90
CA ASP A 64 12.26 -19.54 2.01
C ASP A 64 11.58 -20.27 3.17
N LYS A 65 12.23 -21.33 3.65
CA LYS A 65 11.62 -22.18 4.66
C LYS A 65 12.33 -22.00 5.99
N SER A 66 13.19 -20.99 6.06
CA SER A 66 13.85 -20.64 7.31
C SER A 66 12.82 -20.15 8.33
N ARG A 67 12.93 -20.67 9.56
CA ARG A 67 11.95 -20.37 10.60
C ARG A 67 12.02 -18.91 11.03
N GLU A 68 13.21 -18.31 10.93
CA GLU A 68 13.37 -16.92 11.32
C GLU A 68 12.56 -16.00 10.41
N ASP A 69 12.62 -16.25 9.11
CA ASP A 69 11.97 -15.38 8.14
C ASP A 69 10.47 -15.62 8.07
N GLN A 70 10.06 -16.88 8.16
CA GLN A 70 8.64 -17.20 8.08
C GLN A 70 7.86 -16.58 9.24
N LEU A 71 8.35 -16.79 10.47
CA LEU A 71 7.72 -16.21 11.65
C LEU A 71 7.76 -14.70 11.64
N ARG A 72 8.78 -14.14 11.00
CA ARG A 72 8.88 -12.69 10.88
C ARG A 72 7.71 -12.18 10.07
N HIS A 73 7.37 -12.91 9.02
CA HIS A 73 6.21 -12.56 8.18
C HIS A 73 4.90 -12.73 8.94
N TRP A 74 4.75 -13.87 9.59
CA TRP A 74 3.53 -14.16 10.34
C TRP A 74 3.29 -13.14 11.43
N LYS A 75 4.33 -12.79 12.17
CA LYS A 75 4.20 -11.81 13.25
C LYS A 75 3.80 -10.46 12.69
N TYR A 76 4.33 -10.13 11.52
CA TYR A 76 3.99 -8.89 10.86
C TYR A 76 2.53 -8.87 10.44
N TRP A 77 2.10 -9.97 9.84
CA TRP A 77 0.73 -10.12 9.36
C TRP A 77 -0.29 -10.09 10.50
N HIS A 78 0.04 -10.79 11.59
CA HIS A 78 -0.87 -10.90 12.72
C HIS A 78 -1.08 -9.56 13.42
N SER A 79 -0.03 -8.75 13.46
CA SER A 79 -0.10 -7.46 14.14
C SER A 79 -1.01 -6.48 13.40
N ARG A 80 -1.11 -6.64 12.09
CA ARG A 80 -1.93 -5.73 11.28
C ARG A 80 -3.35 -6.25 11.11
N GLN A 81 -3.62 -7.44 11.63
CA GLN A 81 -4.95 -8.03 11.55
C GLN A 81 -5.91 -7.33 12.51
N HIS A 82 -7.16 -7.19 12.08
CA HIS A 82 -8.19 -6.54 12.87
C HIS A 82 -8.66 -7.43 14.02
N THR A 83 -8.43 -8.73 13.88
CA THR A 83 -8.81 -9.68 14.91
C THR A 83 -7.62 -10.56 15.29
N ALA A 84 -7.32 -10.63 16.59
CA ALA A 84 -6.23 -11.45 17.08
C ALA A 84 -6.60 -12.93 17.00
N LYS A 85 -7.90 -13.21 17.09
CA LYS A 85 -8.40 -14.58 17.02
C LYS A 85 -8.36 -15.11 15.59
N GLN A 86 -8.19 -14.21 14.63
CA GLN A 86 -8.15 -14.57 13.22
C GLN A 86 -7.02 -15.53 12.91
N ARG A 87 -7.37 -16.67 12.32
CA ARG A 87 -6.40 -17.72 12.02
C ARG A 87 -5.89 -17.61 10.59
N CYS A 88 -4.68 -18.12 10.37
CA CYS A 88 -4.09 -18.14 9.03
C CYS A 88 -4.89 -19.09 8.14
N ILE A 89 -5.29 -20.21 8.71
CA ILE A 89 -6.03 -21.23 7.98
C ILE A 89 -7.25 -21.67 8.79
N ASP A 90 -8.35 -21.96 8.10
CA ASP A 90 -9.59 -22.41 8.71
C ASP A 90 -10.18 -23.59 7.98
N ILE A 91 -10.88 -24.45 8.72
CA ILE A 91 -11.61 -25.54 8.11
C ILE A 91 -13.11 -25.38 8.35
N ALA A 92 -13.91 -25.57 7.30
CA ALA A 92 -15.35 -25.36 7.39
C ALA A 92 -16.01 -26.43 8.25
N ASP A 93 -16.86 -25.99 9.17
CA ASP A 93 -17.62 -26.91 10.01
C ASP A 93 -18.82 -27.43 9.24
N TYR A 94 -18.56 -28.12 8.14
CA TYR A 94 -19.61 -28.67 7.31
C TYR A 94 -19.82 -30.13 7.67
N LYS A 95 -21.08 -30.55 7.75
CA LYS A 95 -21.39 -31.90 8.19
C LYS A 95 -20.92 -32.95 7.18
N GLU A 96 -20.92 -32.60 5.90
CA GLU A 96 -20.48 -33.53 4.87
C GLU A 96 -18.96 -33.73 4.91
N SER A 97 -18.27 -32.79 5.54
CA SER A 97 -16.84 -32.93 5.76
C SER A 97 -16.62 -33.73 7.04
N PHE A 98 -17.40 -33.44 8.07
CA PHE A 98 -17.27 -34.12 9.36
C PHE A 98 -17.75 -35.58 9.32
N ASN A 99 -18.34 -36.00 8.20
CA ASN A 99 -18.73 -37.39 8.01
C ASN A 99 -17.52 -38.29 7.73
N THR A 100 -16.55 -37.76 6.99
CA THR A 100 -15.38 -38.55 6.60
C THR A 100 -14.22 -38.39 7.58
N ILE A 101 -14.25 -37.34 8.39
CA ILE A 101 -13.18 -37.10 9.35
C ILE A 101 -13.72 -36.88 10.75
N SER A 102 -12.83 -36.88 11.74
CA SER A 102 -13.19 -36.46 13.09
C SER A 102 -11.92 -36.21 13.89
N ASN A 103 -12.08 -36.00 15.19
CA ASN A 103 -11.00 -35.60 16.08
C ASN A 103 -10.25 -34.38 15.55
N VAL A 104 -11.01 -33.43 15.03
CA VAL A 104 -10.47 -32.20 14.46
C VAL A 104 -9.83 -31.31 15.53
N GLU A 105 -8.55 -31.02 15.38
CA GLU A 105 -7.83 -30.18 16.32
C GLU A 105 -7.00 -29.11 15.61
N GLU A 106 -7.09 -27.87 16.11
CA GLU A 106 -6.33 -26.77 15.54
C GLU A 106 -5.04 -26.56 16.32
N ILE A 107 -4.02 -27.33 15.97
CA ILE A 107 -2.75 -27.32 16.69
C ILE A 107 -2.01 -26.00 16.56
N ALA A 108 -2.34 -25.23 15.52
CA ALA A 108 -1.72 -23.92 15.34
C ALA A 108 -2.58 -23.03 14.45
N TYR A 109 -2.26 -21.73 14.44
CA TYR A 109 -2.98 -20.76 13.63
C TYR A 109 -2.84 -21.06 12.15
N ASN A 110 -1.79 -21.77 11.78
CA ASN A 110 -1.57 -22.13 10.39
C ASN A 110 -1.52 -23.64 10.19
N ALA A 111 -2.11 -24.37 11.13
CA ALA A 111 -2.09 -25.82 11.08
C ALA A 111 -3.37 -26.43 11.65
N ILE A 112 -3.92 -27.39 10.93
CA ILE A 112 -5.13 -28.09 11.37
C ILE A 112 -4.94 -29.60 11.26
N SER A 113 -5.20 -30.30 12.36
CA SER A 113 -5.03 -31.75 12.39
C SER A 113 -6.36 -32.48 12.55
N PHE A 114 -6.50 -33.61 11.85
CA PHE A 114 -7.69 -34.44 11.94
C PHE A 114 -7.40 -35.87 11.54
N THR A 115 -8.28 -36.78 11.95
CA THR A 115 -8.11 -38.21 11.66
C THR A 115 -9.17 -38.70 10.68
N TRP A 116 -8.74 -39.50 9.71
CA TRP A 116 -9.63 -40.06 8.71
C TRP A 116 -9.27 -41.51 8.42
N ASP A 117 -10.16 -42.23 7.73
CA ASP A 117 -9.94 -43.64 7.41
C ASP A 117 -9.54 -43.82 5.96
N ILE A 118 -8.63 -44.76 5.72
CA ILE A 118 -8.10 -45.03 4.38
C ILE A 118 -9.18 -45.54 3.43
N ASN A 119 -10.06 -46.39 3.95
CA ASN A 119 -11.07 -47.06 3.14
C ASN A 119 -12.16 -46.12 2.66
N ASP A 120 -12.24 -44.93 3.26
CA ASP A 120 -13.19 -43.92 2.84
C ASP A 120 -12.48 -42.63 2.47
N GLU A 121 -12.72 -42.14 1.26
CA GLU A 121 -12.07 -40.91 0.78
C GLU A 121 -12.49 -39.73 1.64
N ALA A 122 -11.51 -38.92 2.04
CA ALA A 122 -11.77 -37.79 2.93
C ALA A 122 -11.87 -36.49 2.17
N LYS A 123 -12.85 -35.66 2.55
CA LYS A 123 -13.05 -34.36 1.93
C LYS A 123 -13.16 -33.28 3.00
N VAL A 124 -12.37 -32.22 2.84
CA VAL A 124 -12.43 -31.09 3.75
C VAL A 124 -12.55 -29.79 2.99
N PHE A 125 -12.95 -28.74 3.69
CA PHE A 125 -13.08 -27.42 3.11
C PHE A 125 -12.16 -26.44 3.82
N ILE A 126 -11.25 -25.86 3.06
CA ILE A 126 -10.20 -25.03 3.63
C ILE A 126 -10.23 -23.62 3.04
N SER A 127 -10.01 -22.63 3.91
CA SER A 127 -9.89 -21.24 3.49
C SER A 127 -8.59 -20.61 4.01
N VAL A 128 -7.91 -19.84 3.17
CA VAL A 128 -6.72 -19.09 3.61
C VAL A 128 -7.06 -17.63 3.89
N ASN A 129 -6.81 -17.18 5.11
CA ASN A 129 -7.27 -15.86 5.55
C ASN A 129 -6.20 -14.77 5.43
N CYS A 130 -5.10 -15.07 4.76
CA CYS A 130 -4.03 -14.09 4.56
C CYS A 130 -3.77 -13.88 3.09
N LEU A 131 -3.58 -12.63 2.71
CA LEU A 131 -3.22 -12.29 1.34
C LEU A 131 -1.73 -12.47 1.12
N SER A 132 -1.35 -12.74 -0.13
CA SER A 132 0.06 -12.87 -0.47
C SER A 132 0.77 -11.52 -0.37
N THR A 133 -0.03 -10.45 -0.36
CA THR A 133 0.50 -9.10 -0.28
C THR A 133 0.42 -8.52 1.13
N ASP A 134 -0.15 -9.29 2.04
CA ASP A 134 -0.31 -8.87 3.43
C ASP A 134 0.97 -9.05 4.24
N PHE A 135 2.04 -9.48 3.57
CA PHE A 135 3.32 -9.68 4.25
C PHE A 135 4.29 -8.53 3.99
N SER A 136 3.93 -7.65 3.07
CA SER A 136 4.73 -6.47 2.76
C SER A 136 3.87 -5.21 2.83
N SER A 137 4.48 -4.12 3.31
CA SER A 137 3.78 -2.84 3.36
C SER A 137 3.85 -2.14 2.01
N GLN A 138 4.68 -2.67 1.11
CA GLN A 138 4.88 -2.06 -0.20
C GLN A 138 3.63 -2.10 -1.08
N LYS A 139 3.47 -1.08 -1.92
CA LYS A 139 2.33 -0.99 -2.82
C LYS A 139 2.79 -1.21 -4.24
N GLY A 140 2.09 -2.06 -4.98
CA GLY A 140 2.41 -2.31 -6.37
C GLY A 140 3.38 -3.46 -6.57
N VAL A 141 3.49 -4.33 -5.56
CA VAL A 141 4.42 -5.45 -5.61
C VAL A 141 3.70 -6.78 -5.83
N LYS A 142 4.44 -7.79 -6.27
CA LYS A 142 3.87 -9.09 -6.60
C LYS A 142 3.26 -9.80 -5.41
N GLY A 143 4.09 -10.12 -4.42
CA GLY A 143 3.60 -10.82 -3.23
C GLY A 143 4.18 -12.22 -3.12
N LEU A 144 4.28 -12.70 -1.88
CA LEU A 144 4.90 -13.99 -1.58
C LEU A 144 4.03 -15.17 -1.96
N PRO A 145 4.65 -16.21 -2.54
CA PRO A 145 3.97 -17.47 -2.85
C PRO A 145 3.79 -18.31 -1.59
N LEU A 146 2.67 -18.99 -1.47
CA LEU A 146 2.39 -19.80 -0.30
C LEU A 146 2.34 -21.28 -0.65
N ASN A 147 2.45 -22.13 0.37
CA ASN A 147 2.37 -23.56 0.20
C ASN A 147 1.36 -24.20 1.13
N ILE A 148 0.45 -25.00 0.56
CA ILE A 148 -0.45 -25.82 1.36
C ILE A 148 0.17 -27.19 1.55
N GLN A 149 0.70 -27.42 2.75
CA GLN A 149 1.42 -28.65 3.02
C GLN A 149 0.60 -29.62 3.88
N ILE A 150 0.52 -30.87 3.42
CA ILE A 150 -0.23 -31.89 4.15
C ILE A 150 0.69 -33.02 4.62
N ASP A 151 0.88 -33.13 5.93
CA ASP A 151 1.66 -34.20 6.52
C ASP A 151 0.76 -35.31 7.02
N THR A 152 1.03 -36.55 6.58
CA THR A 152 0.20 -37.70 6.96
C THR A 152 0.96 -38.67 7.84
N TYR A 153 0.57 -38.75 9.11
CA TYR A 153 1.26 -39.60 10.09
C TYR A 153 0.64 -41.00 10.16
N ASN A 156 1.44 -46.11 14.39
CA ASN A 156 2.57 -45.20 14.55
C ASN A 156 2.14 -43.73 14.54
N ASN A 160 7.47 -40.81 14.98
CA ASN A 160 6.86 -39.49 15.07
C ASN A 160 7.13 -38.67 13.81
N LYS A 161 7.12 -39.34 12.66
CA LYS A 161 7.39 -38.71 11.38
C LYS A 161 6.37 -39.17 10.36
N PRO A 162 6.02 -38.29 9.40
CA PRO A 162 5.02 -38.64 8.39
C PRO A 162 5.52 -39.64 7.35
N VAL A 163 4.68 -40.60 7.02
CA VAL A 163 5.00 -41.60 6.00
C VAL A 163 4.90 -40.97 4.62
N HIS A 164 4.09 -39.92 4.50
CA HIS A 164 3.94 -39.22 3.23
C HIS A 164 3.85 -37.71 3.44
N ARG A 165 4.36 -36.96 2.46
CA ARG A 165 4.36 -35.51 2.54
C ARG A 165 4.16 -34.88 1.16
N ALA A 166 3.31 -33.87 1.09
CA ALA A 166 3.04 -33.20 -0.17
C ALA A 166 2.70 -31.73 0.06
N TYR A 167 2.84 -30.93 -0.99
CA TYR A 167 2.55 -29.51 -0.91
C TYR A 167 1.84 -29.03 -2.16
N CYS A 168 1.28 -27.84 -2.08
CA CYS A 168 0.62 -27.22 -3.23
C CYS A 168 0.87 -25.72 -3.21
N GLN A 169 1.60 -25.21 -4.21
CA GLN A 169 1.95 -23.80 -4.26
C GLN A 169 0.78 -22.93 -4.71
N ILE A 170 0.46 -21.92 -3.91
CA ILE A 170 -0.69 -21.07 -4.17
C ILE A 170 -0.43 -19.58 -4.00
N LYS A 171 -1.34 -18.76 -4.50
CA LYS A 171 -1.32 -17.33 -4.25
C LYS A 171 -2.74 -16.89 -3.89
N VAL A 172 -2.86 -16.10 -2.82
CA VAL A 172 -4.18 -15.70 -2.33
C VAL A 172 -4.48 -14.24 -2.70
N PHE A 173 -5.62 -14.04 -3.35
CA PHE A 173 -6.01 -12.72 -3.83
C PHE A 173 -7.25 -12.19 -3.15
N CYS A 174 -7.31 -10.86 -3.04
CA CYS A 174 -8.44 -10.18 -2.43
C CYS A 174 -9.69 -10.33 -3.30
N ASP A 175 -10.84 -10.45 -2.64
CA ASP A 175 -12.15 -10.56 -3.33
C ASP A 175 -12.20 -11.74 -4.31
N LYS A 176 -12.51 -11.45 -5.57
CA LYS A 176 -12.54 -12.50 -6.59
C LYS A 176 -11.31 -12.40 -7.50
N GLY A 177 -10.19 -12.02 -6.91
CA GLY A 177 -8.95 -11.81 -7.64
C GLY A 177 -8.43 -13.02 -8.40
N ALA A 178 -8.67 -14.20 -7.84
CA ALA A 178 -8.24 -15.46 -8.44
C ALA A 178 -8.82 -15.68 -9.84
N GLU A 179 -10.08 -15.32 -10.03
CA GLU A 179 -10.71 -15.45 -11.33
C GLU A 179 -10.20 -14.42 -12.32
N ARG A 180 -9.90 -13.22 -11.83
CA ARG A 180 -9.38 -12.16 -12.69
C ARG A 180 -8.00 -12.51 -13.22
N LYS A 181 -7.16 -13.06 -12.35
CA LYS A 181 -5.81 -13.44 -12.73
C LYS A 181 -5.85 -14.45 -13.87
N ILE A 182 -6.84 -15.32 -13.87
CA ILE A 182 -7.01 -16.29 -14.95
C ILE A 182 -7.33 -15.58 -16.27
N ARG A 183 -8.23 -14.60 -16.22
CA ARG A 183 -8.62 -13.84 -17.41
C ARG A 183 -7.43 -13.11 -18.02
N ASP A 184 -6.65 -12.46 -17.16
CA ASP A 184 -5.45 -11.74 -17.58
C ASP A 184 -4.43 -12.68 -18.20
N GLU A 185 -4.36 -13.90 -17.66
CA GLU A 185 -3.46 -14.92 -18.19
C GLU A 185 -3.92 -15.42 -19.56
N GLU A 186 -5.23 -15.56 -19.71
CA GLU A 186 -5.80 -16.00 -20.99
C GLU A 186 -5.58 -14.97 -22.10
N ARG A 187 -5.69 -13.69 -21.75
CA ARG A 187 -5.49 -12.61 -22.73
CA ARG A 187 -5.49 -12.62 -22.74
C ARG A 187 -4.00 -12.30 -22.92
N LYS A 188 -3.15 -12.97 -22.14
CA LYS A 188 -1.72 -12.85 -22.32
C LYS A 188 -1.31 -13.63 -23.57
N GLN A 189 -1.78 -14.87 -23.64
CA GLN A 189 -1.53 -15.76 -24.76
C GLN A 189 -2.31 -15.36 -26.00
N SER A 190 -3.27 -14.46 -25.83
CA SER A 190 -4.02 -13.85 -26.93
C SER A 190 -3.13 -13.39 -28.08
N LYS A 191 -2.19 -12.51 -27.81
CA LYS A 191 -1.34 -11.94 -28.86
C LYS A 191 -0.16 -12.85 -29.18
N ARG A 207 -10.95 -31.94 -14.41
CA ARG A 207 -9.86 -32.12 -15.37
C ARG A 207 -8.79 -31.04 -15.20
N MET A 208 -9.04 -29.86 -15.78
CA MET A 208 -8.10 -28.75 -15.68
C MET A 208 -8.37 -27.92 -14.43
N ASP A 209 -9.53 -28.14 -13.81
CA ASP A 209 -9.89 -27.43 -12.59
C ASP A 209 -9.46 -28.21 -11.36
N ILE A 210 -8.78 -29.32 -11.59
CA ILE A 210 -8.27 -30.16 -10.50
C ILE A 210 -6.77 -30.01 -10.33
N THR A 211 -6.34 -29.76 -9.10
CA THR A 211 -4.93 -29.59 -8.79
C THR A 211 -4.41 -30.71 -7.88
N VAL A 212 -3.43 -31.46 -8.37
CA VAL A 212 -2.87 -32.57 -7.62
C VAL A 212 -1.64 -32.12 -6.83
N PHE A 213 -1.66 -32.38 -5.52
CA PHE A 213 -0.55 -32.03 -4.66
C PHE A 213 0.74 -32.72 -5.08
N LYS A 214 1.83 -31.98 -5.04
CA LYS A 214 3.15 -32.52 -5.39
C LYS A 214 3.83 -33.08 -4.15
N PRO A 215 4.24 -34.36 -4.21
CA PRO A 215 4.88 -35.05 -3.08
C PRO A 215 6.23 -34.45 -2.71
N PHE A 216 6.59 -34.57 -1.43
CA PHE A 216 7.83 -34.00 -0.92
C PHE A 216 8.70 -35.10 -0.28
N ILE A 217 9.94 -35.21 -0.75
CA ILE A 217 10.84 -36.28 -0.31
C ILE A 217 11.28 -36.13 1.14
N ASP A 218 11.63 -34.91 1.52
CA ASP A 218 12.12 -34.62 2.87
C ASP A 218 11.00 -34.80 3.89
N LEU A 219 11.19 -35.73 4.80
CA LEU A 219 10.17 -36.05 5.78
C LEU A 219 10.58 -35.67 7.19
N ASP A 220 11.88 -35.64 7.44
CA ASP A 220 12.38 -35.46 8.80
C ASP A 220 12.57 -34.00 9.18
N THR A 221 12.21 -33.08 8.29
CA THR A 221 12.23 -31.67 8.64
C THR A 221 10.88 -31.26 9.20
N GLN A 222 10.90 -30.42 10.23
CA GLN A 222 9.67 -29.96 10.86
C GLN A 222 9.24 -28.62 10.31
N PRO A 223 7.95 -28.46 9.98
CA PRO A 223 7.43 -27.20 9.45
C PRO A 223 7.22 -26.18 10.56
N VAL A 224 7.42 -24.91 10.25
CA VAL A 224 7.29 -23.85 11.25
C VAL A 224 5.81 -23.65 11.56
N LEU A 225 5.50 -23.50 12.85
CA LEU A 225 4.13 -23.32 13.31
C LEU A 225 3.95 -21.98 13.99
N PHE A 226 2.93 -21.23 13.57
CA PHE A 226 2.70 -19.91 14.13
C PHE A 226 1.63 -19.94 15.21
N ILE A 227 2.04 -19.55 16.41
CA ILE A 227 1.22 -19.61 17.61
C ILE A 227 0.65 -21.00 17.80
N PRO A 228 1.49 -21.94 18.28
CA PRO A 228 1.08 -23.34 18.49
C PRO A 228 0.11 -23.52 19.66
N ASP A 229 -0.86 -24.41 19.50
CA ASP A 229 -1.82 -24.71 20.56
C ASP A 229 -1.95 -26.23 20.72
N VAL A 230 -2.75 -26.64 21.70
CA VAL A 230 -2.97 -28.07 21.99
C VAL A 230 -1.62 -28.76 22.21
N HIS A 231 -0.96 -28.43 23.32
CA HIS A 231 0.41 -28.87 23.57
C HIS A 231 0.50 -30.38 23.77
N ASN B 3 -3.29 46.55 -3.39
CA ASN B 3 -2.46 45.45 -2.90
C ASN B 3 -2.86 44.11 -3.49
N ASN B 4 -2.32 43.81 -4.67
CA ASN B 4 -2.60 42.55 -5.35
C ASN B 4 -1.34 41.72 -5.58
N PHE B 5 -1.43 40.42 -5.38
CA PHE B 5 -0.27 39.53 -5.51
C PHE B 5 -0.51 38.45 -6.55
N GLU B 6 0.58 37.85 -7.04
CA GLU B 6 0.50 36.74 -7.97
C GLU B 6 1.60 35.70 -7.74
N TYR B 7 1.19 34.48 -7.39
CA TYR B 7 2.15 33.40 -7.19
C TYR B 7 2.09 32.46 -8.40
N THR B 8 3.22 31.90 -8.77
CA THR B 8 3.31 31.07 -9.97
C THR B 8 4.11 29.79 -9.72
N LEU B 9 3.54 28.66 -10.11
CA LEU B 9 4.21 27.36 -10.04
C LEU B 9 4.41 26.76 -11.43
N GLU B 10 5.66 26.41 -11.76
CA GLU B 10 5.96 25.87 -13.08
C GLU B 10 6.14 24.36 -13.02
N ALA B 11 5.12 23.64 -13.47
CA ALA B 11 5.13 22.18 -13.45
C ALA B 11 4.06 21.62 -14.40
N SER B 12 3.89 20.31 -14.34
CA SER B 12 2.90 19.61 -15.16
C SER B 12 1.48 20.01 -14.75
N LYS B 13 0.71 20.54 -15.71
CA LYS B 13 -0.63 21.03 -15.43
C LYS B 13 -1.67 20.01 -15.91
N SER B 14 -2.79 19.94 -15.20
CA SER B 14 -3.78 18.89 -15.37
C SER B 14 -4.32 18.70 -16.79
N LEU B 15 -4.76 19.79 -17.42
CA LEU B 15 -5.30 19.71 -18.78
C LEU B 15 -6.53 18.79 -18.76
N ARG B 16 -7.38 18.99 -17.75
CA ARG B 16 -8.54 18.12 -17.56
C ARG B 16 -9.86 18.88 -17.52
N GLN B 17 -10.49 18.90 -16.35
CA GLN B 17 -11.79 19.54 -16.18
C GLN B 17 -11.73 21.04 -16.46
N LYS B 18 -12.59 21.48 -17.37
CA LYS B 18 -12.67 22.90 -17.73
C LYS B 18 -14.09 23.25 -18.19
N SER B 22 -11.15 24.19 -11.72
CA SER B 22 -10.48 23.25 -10.84
C SER B 22 -9.16 22.77 -11.45
N THR B 23 -8.18 23.66 -11.48
CA THR B 23 -6.85 23.32 -11.98
C THR B 23 -6.10 22.47 -10.95
N MET B 24 -5.36 21.49 -11.44
CA MET B 24 -4.58 20.61 -10.59
C MET B 24 -3.19 20.41 -11.17
N THR B 25 -2.20 20.31 -10.30
CA THR B 25 -0.82 20.17 -10.73
C THR B 25 -0.15 18.95 -10.10
N TYR B 26 0.58 18.21 -10.92
CA TYR B 26 1.24 16.98 -10.49
C TYR B 26 2.74 17.19 -10.23
N LEU B 27 3.21 16.71 -9.08
CA LEU B 27 4.61 16.86 -8.69
C LEU B 27 5.24 15.52 -8.35
N ASN B 28 6.58 15.50 -8.35
CA ASN B 28 7.34 14.31 -7.97
C ASN B 28 7.93 14.48 -6.57
N LYS B 29 7.91 13.42 -5.78
CA LYS B 29 8.43 13.47 -4.43
C LYS B 29 9.94 13.74 -4.42
N GLY B 30 10.34 14.81 -3.75
CA GLY B 30 11.74 15.17 -3.63
C GLY B 30 12.27 16.05 -4.73
N GLN B 31 11.45 16.29 -5.76
CA GLN B 31 11.83 17.11 -6.90
C GLN B 31 11.53 18.58 -6.68
N PHE B 32 12.49 19.44 -7.03
CA PHE B 32 12.35 20.87 -6.84
C PHE B 32 11.65 21.52 -8.02
N TYR B 33 10.74 22.43 -7.70
CA TYR B 33 9.96 23.17 -8.67
C TYR B 33 10.06 24.66 -8.40
N PRO B 34 10.18 25.47 -9.45
CA PRO B 34 10.33 26.92 -9.33
C PRO B 34 9.01 27.66 -9.05
N ILE B 35 8.96 28.35 -7.90
CA ILE B 35 7.80 29.15 -7.55
C ILE B 35 8.11 30.64 -7.68
N THR B 36 7.21 31.38 -8.33
CA THR B 36 7.42 32.79 -8.61
C THR B 36 6.51 33.69 -7.77
N LEU B 37 7.08 34.75 -7.18
CA LEU B 37 6.32 35.68 -6.36
C LEU B 37 6.50 37.12 -6.85
N LYS B 38 5.39 37.79 -7.14
CA LYS B 38 5.42 39.13 -7.73
C LYS B 38 4.18 39.95 -7.38
N GLU B 39 4.34 41.26 -7.20
CA GLU B 39 3.19 42.14 -7.02
C GLU B 39 3.11 43.13 -8.17
N VAL B 40 1.89 43.42 -8.61
CA VAL B 40 1.65 44.38 -9.68
C VAL B 40 0.95 45.63 -9.17
N SER B 41 0.49 46.47 -10.10
CA SER B 41 -0.21 47.70 -9.76
C SER B 41 -1.61 47.43 -9.24
N SER B 51 10.39 48.40 0.43
CA SER B 51 9.41 47.64 1.21
C SER B 51 9.68 46.14 1.16
N LYS B 52 10.22 45.61 2.25
CA LYS B 52 10.47 44.17 2.36
C LYS B 52 9.28 43.48 2.99
N VAL B 53 8.73 42.48 2.30
CA VAL B 53 7.56 41.75 2.78
C VAL B 53 7.88 40.28 3.06
N ARG B 54 7.19 39.68 4.02
CA ARG B 54 7.42 38.29 4.39
C ARG B 54 6.31 37.36 3.90
N SER B 55 6.71 36.29 3.22
CA SER B 55 5.77 35.29 2.73
C SER B 55 6.11 33.92 3.30
N VAL B 56 5.08 33.12 3.51
CA VAL B 56 5.24 31.77 4.04
C VAL B 56 4.63 30.76 3.09
N ILE B 57 5.46 29.83 2.61
CA ILE B 57 4.99 28.76 1.75
C ILE B 57 4.77 27.48 2.55
N MET B 58 3.57 26.91 2.43
CA MET B 58 3.20 25.72 3.20
C MET B 58 2.59 24.64 2.33
N VAL B 59 2.53 23.43 2.89
CA VAL B 59 1.83 22.32 2.29
C VAL B 59 0.78 21.80 3.26
N VAL B 60 -0.48 21.88 2.84
CA VAL B 60 -1.61 21.44 3.65
C VAL B 60 -2.58 20.62 2.81
N PHE B 61 -3.57 20.03 3.47
CA PHE B 61 -4.58 19.22 2.79
C PHE B 61 -5.70 20.07 2.23
N ALA B 62 -6.36 19.57 1.19
CA ALA B 62 -7.36 20.34 0.48
C ALA B 62 -8.79 19.92 0.84
N GLU B 63 -9.05 18.62 0.90
CA GLU B 63 -10.42 18.13 1.09
C GLU B 63 -10.94 18.31 2.53
N ASP B 64 -10.08 18.08 3.51
CA ASP B 64 -10.47 18.27 4.90
C ASP B 64 -9.45 19.16 5.60
N LYS B 65 -9.92 20.23 6.22
CA LYS B 65 -9.03 21.22 6.81
C LYS B 65 -9.14 21.24 8.33
N SER B 66 -9.83 20.26 8.90
CA SER B 66 -9.90 20.14 10.35
C SER B 66 -8.52 19.84 10.91
N ARG B 67 -8.13 20.58 11.94
CA ARG B 67 -6.76 20.51 12.44
C ARG B 67 -6.51 19.16 13.11
N GLU B 68 -7.57 18.57 13.66
CA GLU B 68 -7.46 17.27 14.31
C GLU B 68 -7.08 16.18 13.31
N ASP B 69 -7.73 16.20 12.15
CA ASP B 69 -7.52 15.17 11.14
C ASP B 69 -6.22 15.39 10.36
N GLN B 70 -5.88 16.66 10.12
CA GLN B 70 -4.63 16.97 9.42
C GLN B 70 -3.43 16.48 10.20
N LEU B 71 -3.40 16.79 11.49
CA LEU B 71 -2.34 16.33 12.36
C LEU B 71 -2.33 14.81 12.46
N ARG B 72 -3.51 14.20 12.33
CA ARG B 72 -3.61 12.75 12.36
C ARG B 72 -2.90 12.16 11.15
N HIS B 73 -3.09 12.80 10.00
CA HIS B 73 -2.42 12.36 8.78
C HIS B 73 -0.92 12.58 8.86
N TRP B 74 -0.51 13.77 9.26
CA TRP B 74 0.91 14.09 9.34
C TRP B 74 1.63 13.16 10.30
N LYS B 75 1.02 12.91 11.45
CA LYS B 75 1.62 12.03 12.45
C LYS B 75 1.76 10.62 11.90
N TYR B 76 0.80 10.19 11.10
CA TYR B 76 0.86 8.87 10.47
C TYR B 76 2.02 8.81 9.48
N TRP B 77 2.15 9.85 8.67
CA TRP B 77 3.23 9.92 7.68
C TRP B 77 4.59 9.97 8.36
N HIS B 78 4.69 10.74 9.43
CA HIS B 78 5.94 10.93 10.14
C HIS B 78 6.38 9.64 10.82
N SER B 79 5.42 8.87 11.29
CA SER B 79 5.70 7.61 11.96
C SER B 79 6.27 6.56 11.01
N ARG B 80 5.91 6.65 9.73
CA ARG B 80 6.36 5.68 8.73
C ARG B 80 7.64 6.14 8.05
N GLN B 81 8.09 7.35 8.37
CA GLN B 81 9.31 7.89 7.79
C GLN B 81 10.56 7.22 8.39
N HIS B 82 11.55 7.02 7.54
CA HIS B 82 12.83 6.42 7.96
C HIS B 82 13.67 7.42 8.74
N THR B 83 13.39 8.69 8.55
CA THR B 83 14.09 9.76 9.24
C THR B 83 13.10 10.70 9.91
N ALA B 84 13.29 10.94 11.20
CA ALA B 84 12.44 11.85 11.96
C ALA B 84 12.72 13.30 11.54
N LYS B 85 13.95 13.55 11.07
CA LYS B 85 14.35 14.88 10.64
C LYS B 85 13.74 15.24 9.29
N GLN B 86 13.22 14.24 8.59
CA GLN B 86 12.62 14.45 7.27
C GLN B 86 11.44 15.40 7.32
N ARG B 87 11.53 16.46 6.52
CA ARG B 87 10.51 17.50 6.51
C ARG B 87 9.49 17.29 5.40
N CYS B 88 8.28 17.80 5.62
CA CYS B 88 7.21 17.72 4.64
C CYS B 88 7.55 18.54 3.41
N ILE B 89 8.14 19.71 3.65
CA ILE B 89 8.48 20.63 2.58
C ILE B 89 9.92 21.12 2.78
N ASP B 90 10.63 21.32 1.67
CA ASP B 90 12.01 21.79 1.68
C ASP B 90 12.20 22.89 0.65
N ILE B 91 13.13 23.81 0.92
CA ILE B 91 13.51 24.81 -0.06
C ILE B 91 14.97 24.64 -0.45
N ALA B 92 15.24 24.71 -1.76
CA ALA B 92 16.58 24.49 -2.28
C ALA B 92 17.52 25.61 -1.89
N ASP B 93 18.71 25.23 -1.41
CA ASP B 93 19.76 26.21 -1.09
C ASP B 93 20.48 26.63 -2.35
N TYR B 94 19.73 27.23 -3.28
CA TYR B 94 20.30 27.68 -4.55
C TYR B 94 20.62 29.16 -4.50
N LYS B 95 21.76 29.53 -5.07
CA LYS B 95 22.24 30.91 -5.00
C LYS B 95 21.33 31.88 -5.75
N GLU B 96 20.72 31.39 -6.83
CA GLU B 96 19.79 32.19 -7.63
C GLU B 96 18.47 32.38 -6.88
N SER B 97 18.20 31.51 -5.93
CA SER B 97 17.03 31.64 -5.10
C SER B 97 17.31 32.57 -3.92
N PHE B 98 18.48 32.42 -3.31
CA PHE B 98 18.85 33.23 -2.15
C PHE B 98 19.18 34.69 -2.52
N ASN B 99 19.21 34.98 -3.82
CA ASN B 99 19.41 36.34 -4.30
C ASN B 99 18.15 37.22 -4.15
N THR B 100 16.99 36.62 -4.35
CA THR B 100 15.73 37.35 -4.34
C THR B 100 15.06 37.37 -2.96
N ILE B 101 15.50 36.46 -2.08
CA ILE B 101 14.91 36.35 -0.76
C ILE B 101 15.96 36.42 0.34
N SER B 102 15.50 36.51 1.58
CA SER B 102 16.38 36.37 2.74
C SER B 102 15.58 36.08 4.00
N ASN B 103 16.28 36.04 5.13
CA ASN B 103 15.70 35.64 6.41
C ASN B 103 14.94 34.31 6.32
N VAL B 104 15.52 33.37 5.58
CA VAL B 104 14.89 32.06 5.39
C VAL B 104 14.85 31.28 6.70
N GLU B 105 13.65 31.00 7.17
CA GLU B 105 13.46 30.24 8.39
C GLU B 105 12.40 29.17 8.20
N GLU B 106 12.69 27.97 8.68
CA GLU B 106 11.76 26.85 8.57
C GLU B 106 10.95 26.71 9.86
N ILE B 107 9.87 27.48 9.93
CA ILE B 107 9.05 27.56 11.14
C ILE B 107 8.34 26.26 11.48
N ALA B 108 8.21 25.37 10.50
CA ALA B 108 7.58 24.07 10.74
C ALA B 108 7.99 23.06 9.68
N TYR B 109 7.70 21.79 9.94
CA TYR B 109 8.02 20.73 9.01
C TYR B 109 7.29 20.89 7.69
N ASN B 110 6.18 21.61 7.72
CA ASN B 110 5.40 21.84 6.51
C ASN B 110 5.26 23.33 6.22
N ALA B 111 6.15 24.12 6.77
CA ALA B 111 6.09 25.57 6.59
C ALA B 111 7.47 26.18 6.51
N ILE B 112 7.65 27.07 5.53
CA ILE B 112 8.91 27.78 5.33
C ILE B 112 8.66 29.28 5.16
N SER B 113 9.35 30.08 5.96
CA SER B 113 9.16 31.54 5.90
C SER B 113 10.40 32.24 5.37
N PHE B 114 10.17 33.29 4.57
CA PHE B 114 11.27 34.08 4.01
C PHE B 114 10.81 35.49 3.65
N THR B 115 11.77 36.41 3.55
CA THR B 115 11.48 37.80 3.23
C THR B 115 12.01 38.17 1.85
N TRP B 116 11.20 38.91 1.09
CA TRP B 116 11.60 39.35 -0.25
C TRP B 116 11.15 40.78 -0.53
N ASP B 117 11.69 41.37 -1.58
CA ASP B 117 11.33 42.76 -1.94
C ASP B 117 10.36 42.80 -3.11
N ILE B 118 9.43 43.74 -3.06
CA ILE B 118 8.39 43.89 -4.08
C ILE B 118 8.93 44.23 -5.46
N ASN B 119 9.89 45.14 -5.48
CA ASN B 119 10.40 45.69 -6.72
C ASN B 119 11.25 44.69 -7.52
N ASP B 120 11.62 43.60 -6.87
CA ASP B 120 12.35 42.53 -7.53
C ASP B 120 11.56 41.23 -7.41
N GLU B 121 11.28 40.60 -8.55
CA GLU B 121 10.51 39.35 -8.59
C GLU B 121 11.24 38.24 -7.84
N ALA B 122 10.52 37.51 -7.00
CA ALA B 122 11.13 36.46 -6.17
C ALA B 122 10.93 35.07 -6.77
N LYS B 123 12.00 34.28 -6.74
CA LYS B 123 11.96 32.91 -7.25
C LYS B 123 12.55 31.94 -6.23
N VAL B 124 11.79 30.90 -5.91
CA VAL B 124 12.29 29.86 -5.00
C VAL B 124 12.09 28.47 -5.59
N PHE B 125 12.77 27.50 -5.00
CA PHE B 125 12.66 26.12 -5.44
C PHE B 125 12.16 25.22 -4.32
N ILE B 126 11.03 24.57 -4.57
CA ILE B 126 10.33 23.82 -3.53
C ILE B 126 10.13 22.34 -3.90
N SER B 127 10.34 21.46 -2.93
CA SER B 127 10.07 20.04 -3.11
C SER B 127 9.14 19.52 -2.02
N VAL B 128 8.17 18.69 -2.40
CA VAL B 128 7.29 18.05 -1.43
C VAL B 128 7.75 16.61 -1.17
N ASN B 129 8.04 16.30 0.09
CA ASN B 129 8.68 15.02 0.42
C ASN B 129 7.70 13.95 0.85
N CYS B 130 6.41 14.21 0.66
CA CYS B 130 5.36 13.24 1.01
C CYS B 130 4.52 12.90 -0.20
N LEU B 131 4.20 11.61 -0.35
CA LEU B 131 3.30 11.16 -1.40
C LEU B 131 1.85 11.34 -0.96
N SER B 132 0.96 11.49 -1.93
CA SER B 132 -0.47 11.60 -1.66
C SER B 132 -1.04 10.27 -1.13
N THR B 133 -0.31 9.18 -1.35
CA THR B 133 -0.73 7.86 -0.93
C THR B 133 -0.03 7.42 0.35
N ASP B 134 0.83 8.28 0.85
CA ASP B 134 1.59 7.97 2.07
C ASP B 134 0.78 8.21 3.33
N PHE B 135 -0.48 8.58 3.16
CA PHE B 135 -1.35 8.84 4.31
C PHE B 135 -2.30 7.67 4.59
N SER B 136 -2.34 6.70 3.69
CA SER B 136 -3.16 5.51 3.88
C SER B 136 -2.31 4.26 3.71
N SER B 137 -2.60 3.25 4.52
CA SER B 137 -1.90 1.97 4.41
C SER B 137 -2.52 1.14 3.29
N GLN B 138 -3.69 1.57 2.83
CA GLN B 138 -4.45 0.83 1.82
C GLN B 138 -3.73 0.76 0.48
N LYS B 139 -3.93 -0.35 -0.24
CA LYS B 139 -3.29 -0.51 -1.54
C LYS B 139 -4.27 -0.43 -2.70
N GLY B 140 -3.91 0.34 -3.71
CA GLY B 140 -4.69 0.47 -4.92
C GLY B 140 -5.74 1.58 -4.88
N VAL B 141 -5.56 2.51 -3.96
CA VAL B 141 -6.50 3.62 -3.83
C VAL B 141 -5.90 4.94 -4.29
N LYS B 142 -6.78 5.90 -4.59
CA LYS B 142 -6.35 7.23 -5.04
C LYS B 142 -5.64 7.95 -3.90
N GLY B 143 -4.83 8.94 -4.24
CA GLY B 143 -4.12 9.71 -3.24
C GLY B 143 -4.87 10.97 -2.88
N LEU B 144 -4.63 11.48 -1.67
CA LEU B 144 -5.31 12.66 -1.16
C LEU B 144 -4.79 13.92 -1.86
N PRO B 145 -5.68 14.86 -2.16
CA PRO B 145 -5.24 16.12 -2.77
C PRO B 145 -4.59 17.04 -1.75
N LEU B 146 -3.50 17.71 -2.17
CA LEU B 146 -2.76 18.61 -1.29
C LEU B 146 -2.84 20.04 -1.78
N ASN B 147 -2.54 20.98 -0.89
CA ASN B 147 -2.55 22.40 -1.22
C ASN B 147 -1.25 23.11 -0.86
N ILE B 148 -0.69 23.83 -1.83
CA ILE B 148 0.44 24.70 -1.56
C ILE B 148 -0.06 26.11 -1.26
N GLN B 149 -0.06 26.47 0.01
CA GLN B 149 -0.63 27.73 0.45
C GLN B 149 0.44 28.73 0.80
N ILE B 150 0.30 29.95 0.28
CA ILE B 150 1.27 30.99 0.57
C ILE B 150 0.60 32.16 1.30
N ASP B 151 0.97 32.33 2.56
CA ASP B 151 0.48 33.44 3.38
C ASP B 151 1.52 34.55 3.41
N THR B 152 1.12 35.77 3.08
CA THR B 152 2.06 36.88 3.04
C THR B 152 1.77 37.91 4.14
N TYR B 153 2.62 37.95 5.16
CA TYR B 153 2.41 38.85 6.30
C TYR B 153 3.15 40.16 6.09
N SER B 154 2.41 41.26 6.01
CA SER B 154 3.01 42.57 5.82
C SER B 154 3.56 43.11 7.13
N TYR B 155 4.59 43.94 7.05
CA TYR B 155 5.29 44.45 8.22
C TYR B 155 4.53 45.56 8.94
N ASN B 156 3.93 46.47 8.17
CA ASN B 156 3.18 47.57 8.76
C ASN B 156 1.71 47.24 8.94
N ASN B 157 1.19 46.29 8.16
CA ASN B 157 -0.19 45.85 8.32
C ASN B 157 -0.32 44.98 9.57
N ARG B 158 0.64 44.08 9.75
CA ARG B 158 0.70 43.21 10.93
C ARG B 158 -0.59 42.43 11.13
N SER B 159 -1.21 42.61 12.30
CA SER B 159 -2.47 41.97 12.67
C SER B 159 -2.40 40.44 12.64
N ASN B 160 -1.17 39.92 12.61
CA ASN B 160 -0.92 38.48 12.50
C ASN B 160 -1.76 37.81 11.43
N LYS B 161 -2.02 38.55 10.35
CA LYS B 161 -2.84 38.03 9.27
C LYS B 161 -2.26 38.42 7.93
N PRO B 162 -2.40 37.54 6.93
CA PRO B 162 -1.87 37.83 5.60
C PRO B 162 -2.72 38.86 4.87
N VAL B 163 -2.07 39.81 4.20
CA VAL B 163 -2.79 40.79 3.41
C VAL B 163 -3.31 40.12 2.13
N HIS B 164 -2.63 39.05 1.73
CA HIS B 164 -3.04 38.29 0.55
C HIS B 164 -2.85 36.80 0.81
N ARG B 165 -3.70 35.99 0.21
CA ARG B 165 -3.64 34.54 0.40
C ARG B 165 -4.02 33.79 -0.87
N ALA B 166 -3.26 32.75 -1.19
CA ALA B 166 -3.53 31.93 -2.37
C ALA B 166 -3.09 30.50 -2.14
N TYR B 167 -3.63 29.59 -2.94
CA TYR B 167 -3.32 28.18 -2.83
C TYR B 167 -3.15 27.55 -4.21
N CYS B 168 -2.60 26.35 -4.24
CA CYS B 168 -2.46 25.59 -5.48
C CYS B 168 -2.65 24.11 -5.20
N GLN B 169 -3.71 23.53 -5.75
CA GLN B 169 -4.04 22.12 -5.49
C GLN B 169 -3.13 21.17 -6.28
N ILE B 170 -2.49 20.24 -5.56
CA ILE B 170 -1.52 19.35 -6.16
C ILE B 170 -1.66 17.89 -5.75
N LYS B 171 -1.00 17.01 -6.50
CA LYS B 171 -0.87 15.62 -6.14
C LYS B 171 0.57 15.17 -6.37
N VAL B 172 1.14 14.48 -5.39
CA VAL B 172 2.54 14.09 -5.43
C VAL B 172 2.73 12.62 -5.79
N PHE B 173 3.52 12.35 -6.82
CA PHE B 173 3.72 10.99 -7.30
C PHE B 173 5.14 10.50 -7.13
N CYS B 174 5.27 9.19 -6.95
CA CYS B 174 6.55 8.52 -6.79
C CYS B 174 7.34 8.57 -8.08
N ASP B 175 8.67 8.69 -7.97
CA ASP B 175 9.57 8.70 -9.13
C ASP B 175 9.21 9.76 -10.17
N LYS B 176 8.98 9.34 -11.41
CA LYS B 176 8.55 10.27 -12.46
C LYS B 176 7.07 10.09 -12.75
N GLY B 177 6.32 9.78 -11.71
CA GLY B 177 4.89 9.51 -11.83
C GLY B 177 4.07 10.65 -12.39
N ALA B 178 4.48 11.88 -12.08
CA ALA B 178 3.76 13.07 -12.54
C ALA B 178 3.67 13.13 -14.06
N GLU B 179 4.76 12.75 -14.73
CA GLU B 179 4.80 12.78 -16.19
C GLU B 179 3.96 11.64 -16.77
N ARG B 180 3.93 10.51 -16.08
CA ARG B 180 3.14 9.37 -16.53
C ARG B 180 1.66 9.67 -16.47
N LYS B 181 1.23 10.31 -15.38
CA LYS B 181 -0.16 10.66 -15.20
C LYS B 181 -0.64 11.57 -16.32
N ILE B 182 0.25 12.44 -16.80
CA ILE B 182 -0.05 13.33 -17.92
C ILE B 182 -0.26 12.55 -19.22
N ARG B 183 0.61 11.57 -19.47
CA ARG B 183 0.51 10.76 -20.68
C ARG B 183 -0.82 10.01 -20.75
N ASP B 184 -1.20 9.39 -19.63
CA ASP B 184 -2.45 8.65 -19.55
C ASP B 184 -3.63 9.58 -19.75
N GLU B 185 -3.52 10.79 -19.20
CA GLU B 185 -4.54 11.81 -19.37
C GLU B 185 -4.55 12.38 -20.79
N GLU B 186 -3.36 12.59 -21.35
CA GLU B 186 -3.25 13.13 -22.69
C GLU B 186 -3.78 12.12 -23.72
N ARG B 187 -3.52 10.84 -23.50
CA ARG B 187 -3.98 9.82 -24.43
C ARG B 187 -5.47 9.52 -24.27
N LYS B 188 -6.04 9.90 -23.13
CA LYS B 188 -7.45 9.64 -22.87
C LYS B 188 -8.38 10.59 -23.63
N GLN B 189 -8.14 11.90 -23.51
CA GLN B 189 -8.96 12.89 -24.20
C GLN B 189 -8.67 12.95 -25.70
N SER B 190 -7.50 12.46 -26.11
CA SER B 190 -7.16 12.30 -27.52
C SER B 190 -8.22 11.53 -28.29
N LYS B 191 -8.50 10.31 -27.83
CA LYS B 191 -9.39 9.39 -28.53
C LYS B 191 -10.87 9.67 -28.21
N ARG B 192 -11.17 9.83 -26.92
CA ARG B 192 -12.55 10.05 -26.49
C ARG B 192 -12.68 11.27 -25.57
N LYS B 193 -13.81 11.97 -25.69
CA LYS B 193 -14.09 13.16 -24.88
C LYS B 193 -13.02 14.23 -25.03
N MET B 208 0.03 25.46 -21.21
CA MET B 208 0.97 26.55 -21.01
C MET B 208 2.08 26.16 -20.03
N ASP B 209 1.88 25.04 -19.34
CA ASP B 209 2.83 24.49 -18.37
C ASP B 209 3.05 25.43 -17.17
N ILE B 210 2.33 26.54 -17.13
CA ILE B 210 2.40 27.48 -16.02
C ILE B 210 1.12 27.41 -15.19
N THR B 211 1.27 27.28 -13.87
CA THR B 211 0.12 27.20 -12.98
C THR B 211 0.02 28.41 -12.06
N VAL B 212 -1.10 29.14 -12.17
CA VAL B 212 -1.29 30.34 -11.37
C VAL B 212 -2.09 30.04 -10.10
N PHE B 213 -1.54 30.45 -8.96
CA PHE B 213 -2.18 30.23 -7.68
C PHE B 213 -3.54 30.92 -7.60
N LYS B 214 -4.51 30.21 -7.03
CA LYS B 214 -5.85 30.76 -6.86
C LYS B 214 -5.97 31.46 -5.51
N PRO B 215 -6.37 32.75 -5.54
CA PRO B 215 -6.48 33.58 -4.32
C PRO B 215 -7.57 33.08 -3.37
N PHE B 216 -7.36 33.33 -2.07
CA PHE B 216 -8.29 32.88 -1.03
C PHE B 216 -8.78 34.07 -0.21
N ILE B 217 -10.09 34.23 -0.11
CA ILE B 217 -10.69 35.39 0.55
C ILE B 217 -10.48 35.40 2.07
N ASP B 218 -10.67 34.26 2.71
CA ASP B 218 -10.54 34.14 4.15
C ASP B 218 -9.08 34.29 4.59
N LEU B 219 -8.81 35.33 5.38
CA LEU B 219 -7.44 35.64 5.79
C LEU B 219 -7.19 35.39 7.27
N ASP B 220 -8.26 35.50 8.06
CA ASP B 220 -8.12 35.46 9.52
C ASP B 220 -8.15 34.04 10.07
N THR B 221 -8.22 33.06 9.19
CA THR B 221 -8.12 31.66 9.61
C THR B 221 -6.66 31.21 9.60
N GLN B 222 -6.29 30.39 10.58
CA GLN B 222 -4.91 29.94 10.71
C GLN B 222 -4.69 28.60 10.06
N PRO B 223 -3.58 28.47 9.30
CA PRO B 223 -3.21 27.24 8.61
C PRO B 223 -2.63 26.23 9.59
N VAL B 224 -2.85 24.95 9.32
CA VAL B 224 -2.36 23.89 10.19
C VAL B 224 -0.84 23.74 10.07
N LEU B 225 -0.15 23.67 11.20
CA LEU B 225 1.30 23.56 11.23
C LEU B 225 1.78 22.26 11.89
N PHE B 226 2.64 21.52 11.20
CA PHE B 226 3.14 20.26 11.72
C PHE B 226 4.53 20.42 12.33
N ILE B 227 4.63 20.15 13.62
CA ILE B 227 5.85 20.34 14.39
C ILE B 227 6.38 21.77 14.23
N PRO B 228 5.75 22.74 14.94
CA PRO B 228 6.12 24.15 14.86
C PRO B 228 7.47 24.44 15.53
N ASP B 229 8.25 25.35 14.94
CA ASP B 229 9.54 25.74 15.49
C ASP B 229 9.70 27.26 15.51
N VAL B 230 10.85 27.73 16.00
CA VAL B 230 11.15 29.15 16.12
C VAL B 230 10.07 29.92 16.87
#